data_3H9R
#
_entry.id   3H9R
#
_cell.length_a   43.349
_cell.length_b   62.345
_cell.length_c   171.597
_cell.angle_alpha   90.00
_cell.angle_beta   90.00
_cell.angle_gamma   90.00
#
_symmetry.space_group_name_H-M   'P 21 21 21'
#
loop_
_entity.id
_entity.type
_entity.pdbx_description
1 polymer 'Activin receptor type-1'
2 polymer 'Peptidyl-prolyl cis-trans isomerase FKBP1A'
3 non-polymer 6-[4-(2-piperidin-1-ylethoxy)phenyl]-3-pyridin-4-ylpyrazolo[1,5-a]pyrimidine
4 non-polymer 'SULFATE ION'
5 non-polymer 'TETRAETHYLENE GLYCOL'
6 water water
#
loop_
_entity_poly.entity_id
_entity_poly.type
_entity_poly.pdbx_seq_one_letter_code
_entity_poly.pdbx_strand_id
1 'polypeptide(L)'
;SMTTNVGDSTLADLLDHSCTSGSGSGLPFLVQRTVARQITLLECVGKGRYGEVWRGSWQGENVAVKIFSSRDEKSWFRET
ELYNTVMLRHENILGFIASDMTSRHSSTQLWLITHYHEMGSLYDYLQLTTLDTVSCLRIVLSIASGLAHLHIEIFGTQGK
PAIAHRDLKSKNILVKKNGQCCIADLGLAVMHSQSTNQLDVGNNPRVGTKRYMAPEVLDETIQVDCFDSYKRVDIWAFGL
VLWEVARRMVSNGIVEDYKPPFYDVVPNDPSFEDMRKVVCVDQQRPNIPNRWFSDPTLTSLAKLMKECWYQNPSARLTAL
RIKKTLTKID
;
A
2 'polypeptide(L)'
;SMGVQVETISPGDGRTFPKRGQTCVVHYTGMLEDGKKFDSSRDRNKPFKFMLGKQEVIRGWEEGVAQMSVGQRAKLTISP
DYAYGATGHPGIIPPHATLVFDVELLKLE
;
B
#
loop_
_chem_comp.id
_chem_comp.type
_chem_comp.name
_chem_comp.formula
PG4 non-polymer 'TETRAETHYLENE GLYCOL' 'C8 H18 O5'
SO4 non-polymer 'SULFATE ION' 'O4 S -2'
TAK non-polymer 6-[4-(2-piperidin-1-ylethoxy)phenyl]-3-pyridin-4-ylpyrazolo[1,5-a]pyrimidine 'C24 H25 N5 O'
#
# COMPACT_ATOMS: atom_id res chain seq x y z
N THR A 3 26.74 -7.67 3.04
CA THR A 3 27.33 -9.03 2.90
C THR A 3 26.59 -10.05 3.77
N THR A 4 26.36 -11.23 3.20
CA THR A 4 25.48 -12.26 3.80
C THR A 4 26.07 -13.10 4.94
N ASN A 5 25.26 -13.35 5.97
CA ASN A 5 25.60 -14.16 7.15
C ASN A 5 24.57 -15.29 7.39
N VAL A 6 25.00 -16.32 8.11
CA VAL A 6 24.08 -17.36 8.57
C VAL A 6 22.97 -16.70 9.41
N GLY A 7 21.72 -16.97 9.05
CA GLY A 7 20.56 -16.42 9.77
C GLY A 7 19.77 -15.35 9.03
N ASP A 8 20.34 -14.80 7.95
CA ASP A 8 19.69 -13.73 7.24
C ASP A 8 18.42 -14.24 6.60
N SER A 9 17.41 -13.39 6.54
CA SER A 9 16.20 -13.73 5.84
C SER A 9 16.00 -12.88 4.60
N THR A 10 15.34 -13.46 3.60
CA THR A 10 14.84 -12.68 2.48
C THR A 10 13.57 -11.94 2.96
N LEU A 11 13.00 -11.06 2.14
CA LEU A 11 11.75 -10.36 2.47
C LEU A 11 10.55 -11.32 2.58
N ALA A 12 10.51 -12.34 1.72
CA ALA A 12 9.46 -13.35 1.77
C ALA A 12 9.48 -14.04 3.15
N ASP A 13 10.64 -14.33 3.68
CA ASP A 13 10.72 -14.97 4.97
C ASP A 13 10.29 -14.01 6.07
N LEU A 14 10.77 -12.77 5.98
CA LEU A 14 10.43 -11.69 6.90
C LEU A 14 8.95 -11.37 6.87
N LEU A 15 8.33 -11.38 5.68
CA LEU A 15 6.89 -11.15 5.58
C LEU A 15 6.03 -12.33 6.06
N ASP A 16 6.61 -13.53 6.06
CA ASP A 16 5.83 -14.73 6.33
C ASP A 16 5.67 -15.00 7.82
N HIS A 17 6.74 -14.81 8.58
CA HIS A 17 6.70 -15.05 10.03
C HIS A 17 5.97 -13.92 10.78
N SER A 18 5.14 -13.16 10.05
CA SER A 18 4.58 -11.90 10.53
C SER A 18 3.05 -11.94 10.49
N CYS A 19 2.48 -12.85 11.29
CA CYS A 19 1.07 -12.77 11.68
C CYS A 19 0.83 -13.26 13.11
N THR A 20 0.87 -12.31 14.05
CA THR A 20 0.16 -12.39 15.33
C THR A 20 -0.88 -11.28 15.18
N SER A 21 -2.14 -11.53 15.57
CA SER A 21 -3.21 -10.54 15.33
C SER A 21 -2.75 -9.11 15.73
N GLY A 22 -3.01 -8.15 14.85
CA GLY A 22 -2.56 -6.75 15.06
C GLY A 22 -1.16 -6.43 14.52
N SER A 23 -0.46 -7.42 13.98
CA SER A 23 0.93 -7.27 13.53
C SER A 23 1.10 -6.78 12.06
N GLY A 24 0.02 -6.39 11.39
CA GLY A 24 0.12 -5.68 10.10
C GLY A 24 0.41 -6.44 8.81
N SER A 25 0.32 -5.71 7.71
CA SER A 25 0.41 -6.29 6.42
C SER A 25 1.87 -6.43 6.00
N GLY A 26 2.74 -5.63 6.59
CA GLY A 26 4.12 -5.58 6.15
C GLY A 26 5.10 -6.32 7.07
N LEU A 27 6.35 -5.84 7.09
CA LEU A 27 7.40 -6.46 7.93
C LEU A 27 7.13 -6.18 9.41
N PRO A 28 7.74 -6.91 10.32
CA PRO A 28 7.59 -6.54 11.71
C PRO A 28 7.92 -5.09 11.95
N PHE A 29 7.18 -4.43 12.83
CA PHE A 29 7.25 -2.97 12.92
C PHE A 29 8.65 -2.41 13.15
N LEU A 30 9.45 -3.07 13.99
CA LEU A 30 10.80 -2.57 14.27
C LEU A 30 11.77 -2.85 13.14
N VAL A 31 11.51 -3.91 12.40
CA VAL A 31 12.33 -4.28 11.21
C VAL A 31 12.18 -3.26 10.04
N GLN A 32 11.01 -2.66 9.88
CA GLN A 32 10.71 -1.73 8.77
C GLN A 32 11.78 -0.64 8.55
N ARG A 33 12.22 -0.03 9.65
CA ARG A 33 13.19 1.05 9.66
C ARG A 33 14.55 0.53 9.16
N THR A 34 14.95 -0.62 9.69
CA THR A 34 16.28 -1.16 9.42
C THR A 34 16.41 -1.55 7.94
N VAL A 35 15.38 -2.21 7.44
CA VAL A 35 15.31 -2.52 6.05
C VAL A 35 15.21 -1.22 5.24
N ALA A 36 14.36 -0.27 5.67
CA ALA A 36 14.22 0.98 4.92
C ALA A 36 15.59 1.56 4.72
N ARG A 37 16.39 1.64 5.77
CA ARG A 37 17.65 2.32 5.71
C ARG A 37 18.79 1.51 5.14
N GLN A 38 18.49 0.29 4.69
CA GLN A 38 19.45 -0.55 4.00
C GLN A 38 19.19 -0.62 2.51
N ILE A 39 18.12 0.01 2.05
CA ILE A 39 17.80 0.02 0.65
C ILE A 39 18.70 0.97 -0.10
N THR A 40 19.20 0.52 -1.24
CA THR A 40 19.82 1.42 -2.24
C THR A 40 18.77 1.86 -3.28
N LEU A 41 18.54 3.16 -3.40
CA LEU A 41 17.69 3.68 -4.47
C LEU A 41 18.47 3.63 -5.77
N LEU A 42 17.81 3.33 -6.88
CA LEU A 42 18.48 3.05 -8.13
C LEU A 42 17.99 3.93 -9.26
N GLU A 43 16.69 3.90 -9.54
CA GLU A 43 16.14 4.68 -10.66
C GLU A 43 14.72 5.14 -10.46
N CYS A 44 14.45 6.38 -10.87
CA CYS A 44 13.11 6.93 -10.78
C CYS A 44 12.17 6.39 -11.86
N VAL A 45 11.09 5.73 -11.46
CA VAL A 45 10.18 5.13 -12.41
C VAL A 45 8.82 5.77 -12.48
N GLY A 46 8.51 6.70 -11.59
CA GLY A 46 7.29 7.48 -11.72
C GLY A 46 7.39 8.83 -11.04
N LYS A 47 6.58 9.79 -11.47
CA LYS A 47 6.61 11.10 -10.81
C LYS A 47 5.35 11.92 -11.05
N GLY A 48 4.90 12.61 -10.02
CA GLY A 48 3.63 13.34 -10.10
C GLY A 48 3.44 14.26 -8.92
N ARG A 49 2.24 14.82 -8.79
CA ARG A 49 1.90 15.72 -7.71
C ARG A 49 2.06 15.04 -6.35
N TYR A 50 1.86 13.72 -6.30
CA TYR A 50 2.12 12.91 -5.09
C TYR A 50 3.59 12.77 -4.65
N GLY A 51 4.54 13.07 -5.53
CA GLY A 51 5.96 12.75 -5.27
C GLY A 51 6.55 11.85 -6.34
N GLU A 52 7.29 10.82 -5.94
CA GLU A 52 8.02 9.98 -6.92
C GLU A 52 8.09 8.55 -6.45
N VAL A 53 8.08 7.60 -7.38
CA VAL A 53 8.41 6.22 -7.09
C VAL A 53 9.76 5.85 -7.65
N TRP A 54 10.59 5.19 -6.84
CA TRP A 54 11.88 4.68 -7.29
C TRP A 54 11.95 3.17 -7.25
N ARG A 55 12.65 2.56 -8.22
CA ARG A 55 13.10 1.17 -8.08
C ARG A 55 14.33 1.19 -7.17
N GLY A 56 14.32 0.35 -6.13
CA GLY A 56 15.44 0.23 -5.22
C GLY A 56 15.81 -1.23 -5.05
N SER A 57 16.88 -1.50 -4.31
CA SER A 57 17.21 -2.86 -4.00
C SER A 57 17.56 -3.02 -2.51
N TRP A 58 17.19 -4.17 -1.94
CA TRP A 58 17.60 -4.54 -0.59
C TRP A 58 18.13 -5.94 -0.67
N GLN A 59 19.40 -6.14 -0.32
CA GLN A 59 20.00 -7.46 -0.28
C GLN A 59 19.67 -8.34 -1.51
N GLY A 60 19.83 -7.70 -2.68
CA GLY A 60 19.68 -8.38 -3.94
C GLY A 60 18.25 -8.42 -4.48
N GLU A 61 17.30 -7.79 -3.79
CA GLU A 61 15.88 -7.82 -4.21
C GLU A 61 15.36 -6.45 -4.60
N ASN A 62 14.59 -6.40 -5.68
CA ASN A 62 13.89 -5.17 -6.05
C ASN A 62 12.78 -4.79 -5.10
N VAL A 63 12.73 -3.48 -4.78
CA VAL A 63 11.61 -2.88 -4.10
C VAL A 63 11.18 -1.60 -4.83
N ALA A 64 9.95 -1.17 -4.59
CA ALA A 64 9.48 0.16 -5.00
C ALA A 64 9.51 1.03 -3.76
N VAL A 65 10.09 2.20 -3.91
CA VAL A 65 10.03 3.21 -2.83
C VAL A 65 9.27 4.42 -3.31
N LYS A 66 8.14 4.72 -2.68
CA LYS A 66 7.41 5.95 -2.94
C LYS A 66 7.90 6.98 -1.93
N ILE A 67 8.41 8.09 -2.43
CA ILE A 67 8.93 9.16 -1.60
C ILE A 67 7.91 10.30 -1.75
N PHE A 68 7.16 10.57 -0.69
CA PHE A 68 6.05 11.52 -0.81
C PHE A 68 6.54 12.95 -0.83
N SER A 69 5.93 13.71 -1.70
CA SER A 69 6.04 15.17 -1.71
C SER A 69 5.33 15.74 -0.50
N SER A 70 5.87 16.86 -0.01
CA SER A 70 5.36 17.55 1.17
C SER A 70 3.89 17.91 1.03
N ARG A 71 3.47 18.20 -0.19
CA ARG A 71 2.07 18.44 -0.50
C ARG A 71 1.16 17.25 -0.13
N ASP A 72 1.73 16.05 0.00
CA ASP A 72 0.93 14.85 0.13
C ASP A 72 1.35 13.93 1.30
N GLU A 73 1.77 14.54 2.40
CA GLU A 73 2.14 13.82 3.63
C GLU A 73 0.97 13.05 4.26
N LYS A 74 -0.23 13.63 4.19
CA LYS A 74 -1.40 12.94 4.75
C LYS A 74 -1.65 11.61 4.02
N SER A 75 -1.19 11.50 2.78
CA SER A 75 -1.33 10.24 2.08
C SER A 75 -0.36 9.23 2.66
N TRP A 76 0.87 9.66 2.95
CA TRP A 76 1.82 8.77 3.60
C TRP A 76 1.33 8.27 4.93
N PHE A 77 0.83 9.19 5.74
CA PHE A 77 0.33 8.80 7.06
C PHE A 77 -0.82 7.78 6.97
N ARG A 78 -1.82 8.10 6.14
CA ARG A 78 -3.00 7.26 5.99
C ARG A 78 -2.67 5.92 5.35
N GLU A 79 -1.82 5.91 4.34
CA GLU A 79 -1.46 4.66 3.69
C GLU A 79 -0.68 3.73 4.66
N THR A 80 0.23 4.35 5.39
CA THR A 80 1.03 3.65 6.36
C THR A 80 0.15 3.16 7.50
N GLU A 81 -0.75 4.01 7.97
CA GLU A 81 -1.66 3.60 9.05
C GLU A 81 -2.57 2.42 8.66
N LEU A 82 -3.09 2.44 7.43
CA LEU A 82 -3.98 1.41 6.90
C LEU A 82 -3.26 0.07 6.84
N TYR A 83 -2.11 0.04 6.23
CA TYR A 83 -1.36 -1.21 6.11
C TYR A 83 -0.81 -1.74 7.44
N ASN A 84 -0.48 -0.87 8.39
CA ASN A 84 0.06 -1.29 9.69
C ASN A 84 -1.05 -1.75 10.62
N THR A 85 -2.25 -1.19 10.46
CA THR A 85 -3.38 -1.46 11.33
C THR A 85 -4.18 -2.69 10.92
N VAL A 86 -4.11 -3.00 9.63
CA VAL A 86 -4.96 -3.98 9.02
C VAL A 86 -4.04 -5.02 8.39
N MET A 87 -4.48 -6.28 8.40
CA MET A 87 -3.81 -7.33 7.65
C MET A 87 -4.35 -7.28 6.25
N LEU A 88 -3.67 -6.60 5.35
CA LEU A 88 -4.17 -6.43 3.96
C LEU A 88 -3.19 -7.10 3.06
N ARG A 89 -3.41 -8.39 2.86
CA ARG A 89 -2.54 -9.18 2.00
C ARG A 89 -3.41 -9.88 0.99
N HIS A 90 -3.25 -9.50 -0.26
CA HIS A 90 -4.01 -10.11 -1.35
C HIS A 90 -3.23 -9.94 -2.66
N GLU A 91 -3.33 -10.94 -3.54
CA GLU A 91 -2.47 -10.96 -4.70
C GLU A 91 -2.81 -9.89 -5.76
N ASN A 92 -3.98 -9.24 -5.62
CA ASN A 92 -4.41 -8.14 -6.47
C ASN A 92 -4.50 -6.78 -5.73
N ILE A 93 -3.77 -6.69 -4.61
CA ILE A 93 -3.56 -5.45 -3.88
C ILE A 93 -2.07 -5.34 -3.67
N LEU A 94 -1.53 -4.15 -3.95
CA LEU A 94 -0.08 -3.99 -3.93
C LEU A 94 0.45 -4.40 -2.57
N GLY A 95 1.46 -5.26 -2.55
CA GLY A 95 2.06 -5.76 -1.33
C GLY A 95 2.96 -4.78 -0.58
N PHE A 96 2.43 -4.26 0.51
CA PHE A 96 3.19 -3.37 1.40
C PHE A 96 4.33 -4.12 2.14
N ILE A 97 5.50 -3.50 2.24
CA ILE A 97 6.68 -4.05 2.97
C ILE A 97 7.01 -3.24 4.26
N ALA A 98 7.15 -1.94 4.10
CA ALA A 98 7.64 -1.10 5.21
C ALA A 98 7.30 0.34 4.95
N SER A 99 7.24 1.11 6.02
CA SER A 99 7.21 2.58 5.95
C SER A 99 8.29 3.16 6.87
N ASP A 100 8.85 4.29 6.45
CA ASP A 100 9.86 4.93 7.27
C ASP A 100 9.94 6.41 6.94
N MET A 101 10.21 7.21 7.96
CA MET A 101 10.61 8.58 7.73
C MET A 101 12.08 8.76 8.09
N THR A 102 12.83 9.47 7.25
CA THR A 102 14.26 9.68 7.46
C THR A 102 14.47 11.03 8.11
N SER A 103 15.62 11.20 8.78
CA SER A 103 15.97 12.45 9.48
C SER A 103 14.91 12.85 10.52
N SER A 107 13.09 19.22 5.62
CA SER A 107 14.10 18.60 6.46
C SER A 107 13.79 17.11 6.75
N THR A 108 12.94 16.49 5.92
CA THR A 108 12.34 15.18 6.26
C THR A 108 11.71 14.43 5.07
N GLN A 109 12.15 13.19 4.82
CA GLN A 109 11.58 12.36 3.76
C GLN A 109 10.63 11.26 4.27
N LEU A 110 9.49 11.11 3.63
CA LEU A 110 8.57 10.05 3.99
C LEU A 110 8.57 8.94 2.92
N TRP A 111 8.85 7.71 3.34
CA TRP A 111 8.93 6.57 2.40
C TRP A 111 7.90 5.50 2.67
N LEU A 112 7.33 4.94 1.61
CA LEU A 112 6.53 3.76 1.68
C LEU A 112 7.14 2.79 0.70
N ILE A 113 7.48 1.62 1.18
CA ILE A 113 8.21 0.62 0.44
C ILE A 113 7.28 -0.55 0.24
N THR A 114 7.21 -0.99 -1.01
CA THR A 114 6.35 -2.08 -1.44
C THR A 114 7.06 -3.02 -2.40
N HIS A 115 6.36 -4.11 -2.74
CA HIS A 115 6.78 -4.96 -3.87
C HIS A 115 6.92 -4.06 -5.08
N TYR A 116 7.89 -4.40 -5.95
CA TYR A 116 8.14 -3.70 -7.21
C TYR A 116 7.56 -4.47 -8.38
N HIS A 117 6.76 -3.79 -9.21
CA HIS A 117 6.21 -4.40 -10.42
C HIS A 117 6.82 -3.83 -11.67
N GLU A 118 7.73 -4.58 -12.30
CA GLU A 118 8.50 -4.02 -13.40
C GLU A 118 7.67 -3.70 -14.66
N MET A 119 6.48 -4.28 -14.79
CA MET A 119 5.66 -4.02 -15.98
C MET A 119 5.06 -2.62 -15.89
N GLY A 120 4.98 -2.06 -14.69
CA GLY A 120 4.45 -0.70 -14.54
C GLY A 120 2.94 -0.59 -14.43
N SER A 121 2.44 0.62 -14.65
CA SER A 121 1.02 0.89 -14.50
C SER A 121 0.18 0.43 -15.69
N LEU A 122 -1.07 0.11 -15.41
CA LEU A 122 -2.04 -0.27 -16.46
C LEU A 122 -2.20 0.85 -17.49
N TYR A 123 -2.23 2.08 -16.99
CA TYR A 123 -2.27 3.24 -17.84
C TYR A 123 -1.19 3.18 -18.92
N ASP A 124 0.06 2.97 -18.52
CA ASP A 124 1.13 2.84 -19.52
C ASP A 124 1.02 1.54 -20.31
N TYR A 125 0.61 0.46 -19.64
CA TYR A 125 0.50 -0.82 -20.30
C TYR A 125 -0.44 -0.76 -21.51
N LEU A 126 -1.56 -0.08 -21.35
CA LEU A 126 -2.55 -0.06 -22.37
C LEU A 126 -2.12 0.77 -23.57
N GLN A 127 -1.17 1.68 -23.36
CA GLN A 127 -0.74 2.54 -24.41
C GLN A 127 0.27 1.84 -25.28
N LEU A 128 0.92 0.84 -24.73
CA LEU A 128 2.02 0.19 -25.39
C LEU A 128 1.62 -1.17 -25.97
N THR A 129 0.41 -1.63 -25.70
CA THR A 129 0.02 -2.90 -26.24
C THR A 129 -1.48 -3.03 -26.42
N THR A 130 -1.86 -3.95 -27.29
CA THR A 130 -3.26 -4.35 -27.43
C THR A 130 -3.49 -5.68 -26.71
N LEU A 131 -4.75 -6.06 -26.52
CA LEU A 131 -5.08 -7.22 -25.72
C LEU A 131 -5.99 -8.19 -26.47
N ASP A 132 -5.94 -9.48 -26.11
CA ASP A 132 -6.89 -10.43 -26.66
C ASP A 132 -7.95 -10.79 -25.63
N THR A 133 -8.89 -11.66 -25.98
CA THR A 133 -9.99 -11.98 -25.04
C THR A 133 -9.47 -12.41 -23.68
N VAL A 134 -8.56 -13.38 -23.68
CA VAL A 134 -8.09 -13.96 -22.46
C VAL A 134 -7.35 -12.93 -21.61
N SER A 135 -6.54 -12.06 -22.20
CA SER A 135 -5.72 -11.15 -21.40
C SER A 135 -6.51 -9.92 -20.92
N CYS A 136 -7.50 -9.54 -21.69
CA CYS A 136 -8.44 -8.53 -21.27
C CYS A 136 -9.23 -8.98 -20.05
N LEU A 137 -9.84 -10.16 -20.13
CA LEU A 137 -10.60 -10.67 -18.99
C LEU A 137 -9.73 -10.88 -17.79
N ARG A 138 -8.53 -11.38 -18.01
CA ARG A 138 -7.67 -11.58 -16.87
C ARG A 138 -7.35 -10.26 -16.14
N ILE A 139 -7.05 -9.20 -16.88
CA ILE A 139 -6.88 -7.88 -16.29
C ILE A 139 -8.07 -7.38 -15.47
N VAL A 140 -9.27 -7.39 -16.04
CA VAL A 140 -10.41 -6.75 -15.39
C VAL A 140 -10.96 -7.60 -14.26
N LEU A 141 -10.91 -8.92 -14.41
CA LEU A 141 -11.24 -9.84 -13.30
C LEU A 141 -10.32 -9.61 -12.07
N SER A 142 -9.01 -9.57 -12.29
CA SER A 142 -8.09 -9.40 -11.17
C SER A 142 -8.30 -8.07 -10.44
N ILE A 143 -8.73 -7.04 -11.16
CA ILE A 143 -9.00 -5.73 -10.54
C ILE A 143 -10.26 -5.89 -9.73
N ALA A 144 -11.23 -6.58 -10.31
CA ALA A 144 -12.50 -6.86 -9.62
C ALA A 144 -12.25 -7.64 -8.31
N SER A 145 -11.36 -8.62 -8.37
CA SER A 145 -11.05 -9.44 -7.21
C SER A 145 -10.37 -8.66 -6.09
N GLY A 146 -9.37 -7.87 -6.45
CA GLY A 146 -8.68 -6.96 -5.54
C GLY A 146 -9.66 -5.98 -4.90
N LEU A 147 -10.58 -5.47 -5.72
CA LEU A 147 -11.50 -4.46 -5.22
C LEU A 147 -12.57 -5.12 -4.33
N ALA A 148 -13.07 -6.28 -4.72
CA ALA A 148 -14.01 -7.02 -3.88
C ALA A 148 -13.37 -7.31 -2.50
N HIS A 149 -12.05 -7.58 -2.48
CA HIS A 149 -11.37 -7.91 -1.25
C HIS A 149 -11.23 -6.63 -0.43
N LEU A 150 -10.95 -5.49 -1.04
CA LEU A 150 -10.91 -4.25 -0.29
C LEU A 150 -12.26 -4.02 0.37
N HIS A 151 -13.34 -4.19 -0.40
CA HIS A 151 -14.69 -3.84 0.06
C HIS A 151 -15.30 -4.77 1.12
N ILE A 152 -14.78 -5.98 1.28
CA ILE A 152 -15.42 -6.98 2.14
C ILE A 152 -14.90 -6.89 3.56
N GLU A 153 -15.81 -6.93 4.54
CA GLU A 153 -15.42 -6.98 5.93
C GLU A 153 -15.23 -8.47 6.26
N ILE A 154 -14.12 -8.77 6.91
CA ILE A 154 -13.79 -10.10 7.37
C ILE A 154 -13.46 -10.05 8.83
N PHE A 155 -14.08 -10.96 9.58
CA PHE A 155 -14.00 -10.94 11.00
C PHE A 155 -12.96 -11.92 11.49
N GLY A 156 -12.70 -11.80 12.80
CA GLY A 156 -11.81 -12.69 13.52
C GLY A 156 -10.45 -12.08 13.78
N THR A 157 -9.58 -12.87 14.37
CA THR A 157 -8.23 -12.43 14.69
C THR A 157 -7.39 -12.13 13.43
N GLN A 158 -7.78 -12.77 12.32
CA GLN A 158 -7.06 -12.66 11.02
C GLN A 158 -7.65 -11.59 10.07
N GLY A 159 -8.53 -10.74 10.56
CA GLY A 159 -9.49 -10.04 9.69
C GLY A 159 -9.18 -8.61 9.23
N LYS A 160 -10.16 -8.03 8.55
CA LYS A 160 -10.05 -6.66 8.16
C LYS A 160 -11.42 -6.01 8.02
N PRO A 161 -11.48 -4.70 8.25
CA PRO A 161 -12.70 -3.97 8.01
C PRO A 161 -12.90 -3.73 6.53
N ALA A 162 -14.10 -3.33 6.17
CA ALA A 162 -14.38 -2.87 4.82
C ALA A 162 -13.51 -1.64 4.51
N ILE A 163 -12.96 -1.60 3.30
CA ILE A 163 -12.15 -0.51 2.84
C ILE A 163 -12.65 0.00 1.48
N ALA A 164 -12.91 1.31 1.38
CA ALA A 164 -13.11 1.94 0.09
C ALA A 164 -11.84 2.73 -0.27
N HIS A 165 -11.52 2.73 -1.56
CA HIS A 165 -10.24 3.24 -2.12
C HIS A 165 -10.29 4.74 -2.37
N ARG A 166 -11.32 5.16 -3.07
CA ARG A 166 -11.59 6.56 -3.38
C ARG A 166 -10.70 7.26 -4.39
N ASP A 167 -9.78 6.56 -5.02
CA ASP A 167 -9.01 7.16 -6.14
C ASP A 167 -8.56 6.09 -7.12
N LEU A 168 -9.48 5.20 -7.40
CA LEU A 168 -9.28 4.16 -8.39
C LEU A 168 -9.16 4.82 -9.77
N LYS A 169 -8.09 4.44 -10.47
CA LYS A 169 -7.82 4.90 -11.82
C LYS A 169 -6.72 4.02 -12.37
N SER A 170 -6.52 4.07 -13.68
CA SER A 170 -5.58 3.16 -14.33
C SER A 170 -4.14 3.46 -13.95
N LYS A 171 -3.85 4.70 -13.59
CA LYS A 171 -2.54 5.06 -13.06
C LYS A 171 -2.24 4.43 -11.66
N ASN A 172 -3.26 4.03 -10.91
CA ASN A 172 -3.10 3.45 -9.60
C ASN A 172 -3.40 1.93 -9.67
N ILE A 173 -3.20 1.35 -10.86
CA ILE A 173 -3.22 -0.07 -11.05
C ILE A 173 -1.89 -0.48 -11.71
N LEU A 174 -1.26 -1.50 -11.16
CA LEU A 174 0.00 -2.01 -11.66
C LEU A 174 -0.25 -3.34 -12.36
N VAL A 175 0.63 -3.68 -13.28
CA VAL A 175 0.51 -4.92 -14.03
C VAL A 175 1.55 -5.86 -13.51
N LYS A 176 1.14 -7.07 -13.23
CA LYS A 176 2.05 -8.10 -12.77
C LYS A 176 2.53 -8.89 -14.00
N LYS A 177 3.69 -9.50 -13.86
CA LYS A 177 4.28 -10.38 -14.89
C LYS A 177 3.36 -11.49 -15.31
N ASN A 178 2.60 -12.06 -14.38
CA ASN A 178 1.63 -13.10 -14.74
C ASN A 178 0.38 -12.53 -15.48
N GLY A 179 0.34 -11.23 -15.70
CA GLY A 179 -0.69 -10.60 -16.52
C GLY A 179 -1.94 -10.19 -15.76
N GLN A 180 -1.99 -10.51 -14.46
CA GLN A 180 -3.00 -9.97 -13.56
C GLN A 180 -2.51 -8.60 -13.09
N CYS A 181 -3.42 -7.81 -12.50
CA CYS A 181 -3.12 -6.49 -11.98
C CYS A 181 -3.22 -6.44 -10.46
N CYS A 182 -2.73 -5.35 -9.87
CA CYS A 182 -2.96 -5.14 -8.48
C CYS A 182 -3.22 -3.66 -8.24
N ILE A 183 -4.15 -3.40 -7.33
CA ILE A 183 -4.53 -2.05 -7.01
C ILE A 183 -3.53 -1.45 -6.02
N ALA A 184 -3.12 -0.21 -6.27
CA ALA A 184 -2.14 0.49 -5.41
C ALA A 184 -2.73 1.78 -4.90
N ASP A 185 -2.00 2.41 -4.00
CA ASP A 185 -2.21 3.79 -3.58
C ASP A 185 -3.47 3.93 -2.76
N LEU A 186 -3.38 3.50 -1.50
CA LEU A 186 -4.46 3.61 -0.55
C LEU A 186 -4.37 4.90 0.30
N GLY A 187 -3.70 5.92 -0.22
CA GLY A 187 -3.52 7.18 0.52
C GLY A 187 -4.79 7.96 0.85
N LEU A 188 -5.89 7.69 0.14
CA LEU A 188 -7.21 8.27 0.39
C LEU A 188 -8.24 7.28 0.95
N ALA A 189 -7.85 6.07 1.28
CA ALA A 189 -8.81 5.02 1.67
C ALA A 189 -9.50 5.29 2.99
N VAL A 190 -10.76 4.86 3.08
CA VAL A 190 -11.55 4.91 4.31
C VAL A 190 -11.84 3.48 4.75
N MET A 191 -11.84 3.27 6.06
CA MET A 191 -12.19 2.01 6.67
C MET A 191 -13.51 2.13 7.43
N HIS A 192 -14.35 1.10 7.28
CA HIS A 192 -15.64 1.00 8.02
C HIS A 192 -15.47 0.18 9.26
N ARG A 206 -6.33 16.63 -0.29
CA ARG A 206 -6.40 15.76 -1.48
C ARG A 206 -7.79 15.10 -1.54
N VAL A 207 -8.30 14.95 -2.75
CA VAL A 207 -9.59 14.31 -2.99
C VAL A 207 -9.37 13.51 -4.25
N GLY A 208 -10.31 12.67 -4.65
CA GLY A 208 -10.11 11.88 -5.86
C GLY A 208 -9.60 12.65 -7.05
N THR A 209 -9.05 11.91 -8.01
CA THR A 209 -8.74 12.42 -9.32
C THR A 209 -10.05 12.80 -10.01
N LYS A 210 -10.10 14.02 -10.54
CA LYS A 210 -11.31 14.62 -11.04
C LYS A 210 -11.93 13.86 -12.19
N ARG A 211 -11.11 13.44 -13.14
CA ARG A 211 -11.63 12.69 -14.29
C ARG A 211 -12.47 11.48 -13.93
N TYR A 212 -12.19 10.88 -12.78
CA TYR A 212 -12.82 9.64 -12.36
C TYR A 212 -13.83 9.82 -11.24
N MET A 213 -14.13 11.05 -10.87
CA MET A 213 -15.15 11.34 -9.86
C MET A 213 -16.57 10.98 -10.29
N ALA A 214 -17.26 10.29 -9.40
CA ALA A 214 -18.66 9.96 -9.61
C ALA A 214 -19.49 11.22 -9.47
N PRO A 215 -20.63 11.25 -10.18
CA PRO A 215 -21.55 12.40 -10.19
C PRO A 215 -21.88 12.91 -8.81
N GLU A 216 -22.08 12.02 -7.86
CA GLU A 216 -22.41 12.42 -6.50
C GLU A 216 -21.27 13.17 -5.79
N VAL A 217 -20.03 12.87 -6.15
CA VAL A 217 -18.87 13.65 -5.68
C VAL A 217 -18.84 15.02 -6.40
N LEU A 218 -19.00 15.01 -7.71
CA LEU A 218 -18.93 16.25 -8.47
C LEU A 218 -20.00 17.27 -8.09
N ASP A 219 -21.24 16.83 -7.85
CA ASP A 219 -22.32 17.73 -7.38
C ASP A 219 -22.50 17.69 -5.86
N GLU A 220 -21.51 17.11 -5.18
CA GLU A 220 -21.48 17.03 -3.70
C GLU A 220 -22.76 16.60 -3.01
N THR A 221 -23.51 15.67 -3.63
CA THR A 221 -24.67 15.05 -2.96
C THR A 221 -24.33 13.71 -2.30
N ILE A 222 -23.09 13.27 -2.40
CA ILE A 222 -22.65 12.03 -1.75
C ILE A 222 -23.08 12.01 -0.27
N GLN A 223 -23.73 10.91 0.18
CA GLN A 223 -24.09 10.74 1.61
C GLN A 223 -22.84 10.38 2.41
N VAL A 224 -22.14 11.41 2.91
CA VAL A 224 -20.74 11.31 3.40
C VAL A 224 -20.52 10.50 4.70
N ASP A 225 -21.61 10.10 5.36
CA ASP A 225 -21.51 9.27 6.57
C ASP A 225 -22.18 7.88 6.39
N CYS A 226 -22.30 7.43 5.15
CA CYS A 226 -22.71 6.07 4.81
C CYS A 226 -21.51 5.48 4.09
N PHE A 227 -20.87 4.51 4.71
CA PHE A 227 -19.72 3.90 4.14
C PHE A 227 -20.00 3.40 2.73
N ASP A 228 -21.20 2.86 2.51
CA ASP A 228 -21.56 2.36 1.17
C ASP A 228 -21.47 3.41 0.08
N SER A 229 -21.64 4.67 0.46
CA SER A 229 -21.43 5.73 -0.53
C SER A 229 -20.05 5.66 -1.17
N TYR A 230 -19.01 5.40 -0.37
CA TYR A 230 -17.62 5.39 -0.87
C TYR A 230 -17.30 4.14 -1.74
N LYS A 231 -17.79 2.99 -1.31
CA LYS A 231 -17.82 1.81 -2.19
C LYS A 231 -18.48 2.11 -3.56
N ARG A 232 -19.61 2.80 -3.57
CA ARG A 232 -20.27 3.08 -4.85
C ARG A 232 -19.46 4.08 -5.69
N VAL A 233 -18.67 4.92 -5.04
CA VAL A 233 -17.74 5.81 -5.74
C VAL A 233 -16.65 4.95 -6.39
N ASP A 234 -16.18 3.94 -5.69
CA ASP A 234 -15.20 3.04 -6.29
C ASP A 234 -15.78 2.34 -7.52
N ILE A 235 -17.05 2.04 -7.48
CA ILE A 235 -17.64 1.25 -8.54
C ILE A 235 -17.70 2.07 -9.81
N TRP A 236 -18.16 3.31 -9.71
CA TRP A 236 -18.13 4.24 -10.85
C TRP A 236 -16.78 4.29 -11.54
N ALA A 237 -15.73 4.51 -10.77
CA ALA A 237 -14.37 4.59 -11.28
C ALA A 237 -13.98 3.27 -11.93
N PHE A 238 -14.36 2.16 -11.33
CA PHE A 238 -14.02 0.85 -11.85
C PHE A 238 -14.63 0.68 -13.23
N GLY A 239 -15.86 1.16 -13.42
CA GLY A 239 -16.50 1.11 -14.73
C GLY A 239 -15.74 1.89 -15.79
N LEU A 240 -15.25 3.09 -15.44
CA LEU A 240 -14.38 3.84 -16.33
C LEU A 240 -13.10 3.05 -16.73
N VAL A 241 -12.46 2.37 -15.79
CA VAL A 241 -11.27 1.58 -16.03
C VAL A 241 -11.57 0.41 -16.98
N LEU A 242 -12.68 -0.30 -16.78
CA LEU A 242 -13.15 -1.35 -17.71
C LEU A 242 -13.25 -0.86 -19.16
N TRP A 243 -13.81 0.33 -19.32
CA TRP A 243 -13.99 0.97 -20.61
C TRP A 243 -12.62 1.22 -21.21
N GLU A 244 -11.72 1.79 -20.44
CA GLU A 244 -10.32 2.02 -20.89
C GLU A 244 -9.67 0.74 -21.40
N VAL A 245 -9.91 -0.33 -20.68
CA VAL A 245 -9.30 -1.61 -20.95
C VAL A 245 -9.96 -2.30 -22.15
N ALA A 246 -11.28 -2.19 -22.27
CA ALA A 246 -12.04 -2.86 -23.32
C ALA A 246 -11.78 -2.25 -24.66
N ARG A 247 -11.61 -0.93 -24.70
CA ARG A 247 -11.13 -0.26 -25.92
C ARG A 247 -9.92 -0.96 -26.60
N ARG A 248 -9.03 -1.56 -25.79
CA ARG A 248 -7.76 -2.14 -26.28
C ARG A 248 -7.81 -3.65 -26.57
N MET A 249 -8.99 -4.25 -26.44
CA MET A 249 -9.13 -5.64 -26.85
C MET A 249 -9.48 -5.64 -28.31
N VAL A 250 -8.67 -6.36 -29.09
CA VAL A 250 -8.89 -6.47 -30.53
C VAL A 250 -10.08 -7.40 -30.82
N SER A 251 -10.94 -6.96 -31.76
CA SER A 251 -11.95 -7.83 -32.35
C SER A 251 -12.04 -7.57 -33.85
N ASN A 252 -11.96 -8.66 -34.63
CA ASN A 252 -11.86 -8.61 -36.09
C ASN A 252 -10.81 -7.64 -36.60
N GLY A 253 -9.66 -7.63 -35.96
CA GLY A 253 -8.59 -6.76 -36.33
C GLY A 253 -8.73 -5.31 -35.87
N ILE A 254 -9.85 -4.99 -35.24
CA ILE A 254 -10.14 -3.64 -34.84
C ILE A 254 -9.94 -3.44 -33.36
N VAL A 255 -9.42 -2.27 -33.04
CA VAL A 255 -9.16 -1.87 -31.68
C VAL A 255 -9.17 -0.33 -31.60
N GLU A 256 -9.65 0.22 -30.50
CA GLU A 256 -9.63 1.67 -30.34
C GLU A 256 -8.26 2.10 -29.81
N ASP A 257 -7.85 3.35 -30.12
CA ASP A 257 -6.62 3.91 -29.53
C ASP A 257 -6.85 4.10 -28.06
N TYR A 258 -5.79 4.02 -27.26
CA TYR A 258 -5.93 4.26 -25.83
C TYR A 258 -6.40 5.69 -25.64
N LYS A 259 -7.51 5.84 -24.95
CA LYS A 259 -7.93 7.12 -24.44
C LYS A 259 -8.36 7.01 -22.97
N PRO A 260 -8.17 8.09 -22.19
CA PRO A 260 -8.78 8.16 -20.88
C PRO A 260 -10.28 8.45 -20.98
N PRO A 261 -11.01 8.12 -19.93
CA PRO A 261 -12.41 8.50 -19.90
C PRO A 261 -12.65 10.01 -20.07
N PHE A 262 -13.70 10.30 -20.83
CA PHE A 262 -14.11 11.67 -21.15
C PHE A 262 -13.08 12.50 -21.95
N TYR A 263 -12.23 11.82 -22.69
CA TYR A 263 -11.15 12.48 -23.49
C TYR A 263 -11.65 13.47 -24.50
N ASP A 264 -12.87 13.26 -25.01
CA ASP A 264 -13.44 14.05 -26.10
C ASP A 264 -14.27 15.25 -25.65
N VAL A 265 -14.56 15.36 -24.36
CA VAL A 265 -15.47 16.43 -23.85
C VAL A 265 -14.92 17.24 -22.67
N VAL A 266 -13.75 16.84 -22.14
CA VAL A 266 -13.03 17.64 -21.17
C VAL A 266 -11.54 17.74 -21.56
N PRO A 267 -10.94 18.87 -21.21
CA PRO A 267 -9.53 19.05 -21.46
C PRO A 267 -8.69 18.17 -20.56
N ASN A 268 -7.39 18.13 -20.82
CA ASN A 268 -6.42 17.48 -19.91
C ASN A 268 -6.37 18.23 -18.57
N ASP A 269 -6.21 17.47 -17.50
CA ASP A 269 -6.21 18.06 -16.16
C ASP A 269 -7.53 18.83 -15.98
N PRO A 270 -8.67 18.16 -16.20
CA PRO A 270 -9.97 18.83 -16.15
C PRO A 270 -10.26 19.43 -14.79
N SER A 271 -10.95 20.55 -14.78
CA SER A 271 -11.38 21.16 -13.54
C SER A 271 -12.58 20.42 -12.95
N PHE A 272 -12.81 20.66 -11.68
CA PHE A 272 -13.93 20.10 -10.95
C PHE A 272 -15.20 20.55 -11.73
N GLU A 273 -15.22 21.80 -12.17
CA GLU A 273 -16.36 22.34 -12.95
C GLU A 273 -16.60 21.73 -14.34
N ASP A 274 -15.52 21.51 -15.08
CA ASP A 274 -15.53 20.81 -16.38
C ASP A 274 -16.19 19.48 -16.24
N MET A 275 -15.79 18.74 -15.22
CA MET A 275 -16.35 17.39 -14.98
C MET A 275 -17.83 17.42 -14.61
N ARG A 276 -18.19 18.34 -13.71
CA ARG A 276 -19.56 18.49 -13.23
C ARG A 276 -20.57 18.82 -14.36
N LYS A 277 -20.15 19.67 -15.26
CA LYS A 277 -20.94 19.99 -16.42
C LYS A 277 -21.18 18.77 -17.31
N VAL A 278 -20.15 17.97 -17.52
CA VAL A 278 -20.24 16.85 -18.46
C VAL A 278 -21.04 15.73 -17.87
N VAL A 279 -20.64 15.31 -16.67
CA VAL A 279 -21.25 14.20 -15.95
C VAL A 279 -22.62 14.50 -15.33
N CYS A 280 -22.79 15.67 -14.72
CA CYS A 280 -24.01 15.96 -13.94
C CYS A 280 -25.03 16.80 -14.67
N VAL A 281 -24.59 17.90 -15.28
CA VAL A 281 -25.52 18.80 -15.91
C VAL A 281 -26.00 18.20 -17.23
N ASP A 282 -25.06 17.78 -18.08
CA ASP A 282 -25.36 17.16 -19.38
C ASP A 282 -25.62 15.67 -19.30
N GLN A 283 -25.27 15.03 -18.16
CA GLN A 283 -25.53 13.59 -17.95
C GLN A 283 -24.76 12.67 -18.92
N GLN A 284 -23.57 13.06 -19.29
CA GLN A 284 -22.80 12.26 -20.22
C GLN A 284 -22.11 11.08 -19.57
N ARG A 285 -21.91 10.06 -20.39
CA ARG A 285 -21.22 8.83 -20.04
C ARG A 285 -20.31 8.45 -21.22
N PRO A 286 -19.23 7.70 -20.95
CA PRO A 286 -18.37 7.27 -22.03
C PRO A 286 -19.11 6.47 -23.09
N ASN A 287 -18.80 6.71 -24.36
CA ASN A 287 -19.56 6.10 -25.41
C ASN A 287 -19.10 4.66 -25.65
N ILE A 288 -20.06 3.78 -25.90
CA ILE A 288 -19.80 2.37 -26.21
C ILE A 288 -19.67 2.21 -27.72
N PRO A 289 -18.48 1.80 -28.19
CA PRO A 289 -18.28 1.57 -29.62
C PRO A 289 -19.23 0.55 -30.17
N ASN A 290 -19.79 0.78 -31.35
CA ASN A 290 -20.72 -0.20 -31.91
C ASN A 290 -20.07 -1.56 -32.31
N ARG A 291 -18.76 -1.54 -32.61
CA ARG A 291 -18.07 -2.76 -33.04
C ARG A 291 -18.02 -3.78 -31.89
N TRP A 292 -18.12 -3.30 -30.65
CA TRP A 292 -18.18 -4.19 -29.47
C TRP A 292 -19.38 -5.10 -29.48
N PHE A 293 -20.48 -4.63 -30.05
CA PHE A 293 -21.70 -5.42 -30.03
C PHE A 293 -21.68 -6.62 -30.98
N SER A 294 -20.56 -6.84 -31.67
CA SER A 294 -20.40 -8.01 -32.50
C SER A 294 -19.40 -8.99 -31.89
N ASP A 295 -19.02 -8.77 -30.61
CA ASP A 295 -18.12 -9.68 -29.89
C ASP A 295 -18.81 -9.98 -28.57
N PRO A 296 -18.86 -11.27 -28.18
CA PRO A 296 -19.69 -11.56 -27.01
C PRO A 296 -19.12 -11.05 -25.71
N THR A 297 -17.79 -10.96 -25.62
CA THR A 297 -17.13 -10.57 -24.39
C THR A 297 -17.23 -9.05 -24.19
N LEU A 298 -17.16 -8.30 -25.28
CA LEU A 298 -17.25 -6.85 -25.17
C LEU A 298 -18.73 -6.43 -25.04
N THR A 299 -19.65 -7.18 -25.65
CA THR A 299 -21.09 -7.02 -25.41
C THR A 299 -21.37 -7.19 -23.90
N SER A 300 -20.76 -8.19 -23.28
CA SER A 300 -20.92 -8.40 -21.83
C SER A 300 -20.23 -7.35 -20.99
N LEU A 301 -19.06 -6.91 -21.42
CA LEU A 301 -18.35 -5.89 -20.67
C LEU A 301 -19.11 -4.59 -20.82
N ALA A 302 -19.66 -4.34 -22.00
CA ALA A 302 -20.52 -3.16 -22.22
C ALA A 302 -21.65 -3.03 -21.20
N LYS A 303 -22.34 -4.14 -21.00
CA LYS A 303 -23.44 -4.19 -20.07
C LYS A 303 -22.95 -4.00 -18.61
N LEU A 304 -21.83 -4.59 -18.27
CA LEU A 304 -21.20 -4.38 -16.97
C LEU A 304 -20.86 -2.91 -16.65
N MET A 305 -20.06 -2.28 -17.51
CA MET A 305 -19.87 -0.82 -17.53
C MET A 305 -21.11 0.03 -17.25
N LYS A 306 -22.14 -0.12 -18.06
CA LYS A 306 -23.31 0.71 -17.87
C LYS A 306 -23.92 0.57 -16.45
N GLU A 307 -23.84 -0.62 -15.87
CA GLU A 307 -24.38 -0.82 -14.51
C GLU A 307 -23.47 -0.32 -13.39
N CYS A 308 -22.36 0.31 -13.77
CA CYS A 308 -21.43 0.97 -12.86
C CYS A 308 -21.66 2.48 -12.90
N TRP A 309 -22.49 2.94 -13.83
CA TRP A 309 -22.59 4.35 -14.15
C TRP A 309 -23.98 4.95 -13.91
N TYR A 310 -24.89 4.21 -13.27
CA TYR A 310 -26.13 4.79 -12.78
C TYR A 310 -25.88 6.05 -11.95
N GLN A 311 -26.64 7.10 -12.21
CA GLN A 311 -26.65 8.29 -11.39
C GLN A 311 -27.16 7.99 -9.97
N ASN A 312 -28.10 7.05 -9.84
CA ASN A 312 -28.48 6.57 -8.54
C ASN A 312 -27.43 5.60 -8.03
N PRO A 313 -26.61 6.04 -7.06
CA PRO A 313 -25.52 5.15 -6.63
C PRO A 313 -25.98 3.77 -6.15
N SER A 314 -27.20 3.71 -5.61
CA SER A 314 -27.78 2.44 -5.08
C SER A 314 -27.99 1.40 -6.14
N ALA A 315 -28.21 1.83 -7.37
CA ALA A 315 -28.55 0.92 -8.47
C ALA A 315 -27.32 0.19 -9.03
N ARG A 316 -26.13 0.71 -8.72
CA ARG A 316 -24.86 0.19 -9.22
C ARG A 316 -24.54 -1.19 -8.67
N LEU A 317 -23.97 -2.03 -9.52
CA LEU A 317 -23.41 -3.34 -9.13
C LEU A 317 -22.41 -3.22 -7.98
N THR A 318 -22.33 -4.28 -7.18
CA THR A 318 -21.33 -4.38 -6.13
C THR A 318 -20.08 -4.96 -6.75
N ALA A 319 -18.96 -4.86 -6.04
CA ALA A 319 -17.68 -5.43 -6.50
C ALA A 319 -17.73 -6.92 -6.57
N LEU A 320 -18.42 -7.55 -5.61
CA LEU A 320 -18.54 -9.01 -5.61
C LEU A 320 -19.33 -9.51 -6.82
N ARG A 321 -20.38 -8.81 -7.18
CA ARG A 321 -21.16 -9.13 -8.40
C ARG A 321 -20.38 -8.97 -9.72
N ILE A 322 -19.57 -7.92 -9.85
CA ILE A 322 -18.78 -7.76 -11.06
C ILE A 322 -17.78 -8.89 -11.20
N LYS A 323 -17.10 -9.21 -10.10
CA LYS A 323 -16.19 -10.33 -10.04
C LYS A 323 -16.94 -11.60 -10.47
N LYS A 324 -18.10 -11.84 -9.87
CA LYS A 324 -18.90 -12.97 -10.28
C LYS A 324 -19.24 -12.92 -11.76
N THR A 325 -19.67 -11.78 -12.26
CA THR A 325 -20.09 -11.74 -13.66
C THR A 325 -18.91 -11.98 -14.58
N LEU A 326 -17.75 -11.38 -14.25
CA LEU A 326 -16.55 -11.52 -15.08
C LEU A 326 -16.03 -12.96 -15.09
N THR A 327 -16.13 -13.65 -13.96
CA THR A 327 -15.75 -15.07 -13.82
C THR A 327 -16.49 -16.06 -14.74
N LYS A 328 -17.68 -15.66 -15.18
CA LYS A 328 -18.51 -16.44 -16.06
C LYS A 328 -18.22 -16.19 -17.56
N ILE A 329 -17.78 -14.98 -17.92
CA ILE A 329 -17.43 -14.71 -19.32
C ILE A 329 -16.23 -15.60 -19.72
N ASP A 330 -15.20 -15.59 -18.86
CA ASP A 330 -14.07 -16.56 -18.88
C ASP A 330 -13.12 -16.40 -20.07
N GLY B 3 16.85 10.86 27.95
CA GLY B 3 17.12 10.16 26.65
C GLY B 3 16.69 8.69 26.66
N VAL B 4 17.53 7.86 27.28
CA VAL B 4 17.27 6.42 27.41
C VAL B 4 17.81 5.85 28.72
N GLN B 5 16.95 5.15 29.45
CA GLN B 5 17.30 4.58 30.73
C GLN B 5 17.60 3.10 30.50
N VAL B 6 18.62 2.57 31.15
CA VAL B 6 18.93 1.14 31.09
C VAL B 6 18.77 0.46 32.46
N GLU B 7 17.75 -0.39 32.55
CA GLU B 7 17.52 -1.19 33.74
C GLU B 7 17.94 -2.63 33.43
N THR B 8 19.00 -3.07 34.09
CA THR B 8 19.51 -4.43 33.92
C THR B 8 18.58 -5.43 34.56
N ILE B 9 18.10 -6.39 33.79
CA ILE B 9 17.25 -7.47 34.32
C ILE B 9 18.09 -8.72 34.61
N SER B 10 19.12 -8.98 33.79
CA SER B 10 20.10 -10.02 34.15
C SER B 10 21.45 -9.74 33.51
N PRO B 11 22.55 -10.00 34.25
CA PRO B 11 23.86 -9.63 33.76
C PRO B 11 24.30 -10.29 32.47
N GLY B 12 25.06 -9.53 31.68
CA GLY B 12 25.89 -10.07 30.62
C GLY B 12 27.23 -10.45 31.20
N ASP B 13 28.27 -10.53 30.36
CA ASP B 13 29.60 -10.88 30.84
C ASP B 13 30.29 -9.68 31.51
N GLY B 14 29.75 -8.49 31.31
CA GLY B 14 30.29 -7.28 31.92
C GLY B 14 31.63 -6.91 31.33
N ARG B 15 31.85 -7.30 30.09
CA ARG B 15 33.18 -7.13 29.44
C ARG B 15 33.11 -6.93 27.90
N THR B 16 32.21 -7.63 27.19
CA THR B 16 32.09 -7.51 25.73
C THR B 16 30.94 -6.57 25.37
N PHE B 17 31.27 -5.31 25.09
CA PHE B 17 30.28 -4.29 24.70
C PHE B 17 30.43 -4.06 23.19
N PRO B 18 29.30 -4.00 22.44
CA PRO B 18 29.36 -3.77 20.97
C PRO B 18 30.02 -2.43 20.59
N LYS B 19 30.76 -2.42 19.47
CA LYS B 19 31.42 -1.20 18.98
C LYS B 19 31.06 -1.00 17.51
N ARG B 20 31.45 0.15 16.96
CA ARG B 20 31.21 0.50 15.55
C ARG B 20 31.45 -0.68 14.60
N GLY B 21 30.53 -0.92 13.69
CA GLY B 21 30.68 -1.98 12.73
C GLY B 21 30.39 -3.38 13.21
N GLN B 22 29.94 -3.55 14.45
CA GLN B 22 29.50 -4.87 14.92
C GLN B 22 27.99 -5.07 14.68
N THR B 23 27.61 -6.28 14.29
CA THR B 23 26.20 -6.65 14.21
C THR B 23 25.76 -7.17 15.56
N CYS B 24 24.80 -6.47 16.17
CA CYS B 24 24.18 -6.91 17.40
C CYS B 24 23.00 -7.82 17.09
N VAL B 25 23.00 -9.03 17.65
CA VAL B 25 21.88 -9.95 17.51
C VAL B 25 21.12 -9.92 18.83
N VAL B 26 19.85 -9.51 18.77
CA VAL B 26 19.08 -9.34 20.00
C VAL B 26 17.73 -9.99 19.89
N HIS B 27 17.14 -10.26 21.05
CA HIS B 27 15.72 -10.50 21.16
C HIS B 27 15.08 -9.32 21.85
N TYR B 28 13.93 -8.89 21.33
CA TYR B 28 13.28 -7.71 21.87
C TYR B 28 11.78 -7.85 22.01
N THR B 29 11.24 -7.14 22.99
CA THR B 29 9.80 -6.93 23.10
C THR B 29 9.57 -5.47 23.32
N GLY B 30 8.94 -4.83 22.36
CA GLY B 30 8.65 -3.42 22.42
C GLY B 30 7.24 -3.16 22.89
N MET B 31 7.12 -2.16 23.77
CA MET B 31 5.87 -1.81 24.38
C MET B 31 5.67 -0.31 24.44
N LEU B 32 4.42 0.11 24.54
CA LEU B 32 4.12 1.50 24.83
C LEU B 32 4.30 1.78 26.33
N GLU B 33 4.16 3.04 26.72
CA GLU B 33 4.37 3.53 28.09
C GLU B 33 3.50 2.80 29.13
N ASP B 34 2.25 2.54 28.76
CA ASP B 34 1.31 1.75 29.57
C ASP B 34 1.48 0.22 29.48
N GLY B 35 2.49 -0.27 28.76
CA GLY B 35 2.78 -1.71 28.71
C GLY B 35 2.26 -2.47 27.48
N LYS B 36 1.46 -1.83 26.62
CA LYS B 36 0.90 -2.48 25.42
C LYS B 36 1.98 -2.89 24.41
N LYS B 37 2.08 -4.21 24.17
CA LYS B 37 3.05 -4.75 23.23
C LYS B 37 2.66 -4.37 21.82
N PHE B 38 3.59 -3.74 21.09
CA PHE B 38 3.37 -3.51 19.65
C PHE B 38 4.26 -4.38 18.76
N ASP B 39 5.26 -5.06 19.31
CA ASP B 39 6.14 -5.90 18.50
C ASP B 39 7.03 -6.73 19.41
N SER B 40 7.30 -7.97 18.99
CA SER B 40 8.28 -8.80 19.69
C SER B 40 8.90 -9.82 18.74
N SER B 41 10.23 -9.89 18.72
CA SER B 41 10.93 -10.94 17.96
C SER B 41 10.85 -12.29 18.65
N ARG B 42 10.32 -12.31 19.86
CA ARG B 42 10.11 -13.57 20.58
C ARG B 42 8.84 -14.23 20.08
N ASP B 43 7.84 -13.40 19.70
CA ASP B 43 6.56 -13.92 19.18
C ASP B 43 6.76 -14.73 17.90
N ARG B 44 7.88 -14.51 17.23
CA ARG B 44 8.15 -15.20 15.97
C ARG B 44 9.42 -16.01 16.02
N ASN B 45 10.11 -15.99 17.15
CA ASN B 45 11.35 -16.75 17.35
C ASN B 45 12.33 -16.53 16.21
N LYS B 46 12.56 -15.26 15.88
CA LYS B 46 13.58 -14.89 14.93
C LYS B 46 14.37 -13.68 15.48
N PRO B 47 15.62 -13.91 15.93
CA PRO B 47 16.45 -12.83 16.40
C PRO B 47 16.61 -11.67 15.44
N PHE B 48 16.66 -10.47 15.99
CA PHE B 48 16.76 -9.25 15.21
C PHE B 48 18.22 -8.80 15.21
N LYS B 49 18.71 -8.37 14.06
CA LYS B 49 20.12 -7.98 13.90
C LYS B 49 20.24 -6.56 13.34
N PHE B 50 21.19 -5.79 13.84
CA PHE B 50 21.43 -4.44 13.32
C PHE B 50 22.90 -4.09 13.53
N MET B 51 23.47 -3.27 12.67
CA MET B 51 24.88 -2.91 12.79
C MET B 51 24.98 -1.55 13.45
N LEU B 52 25.84 -1.47 14.44
CA LEU B 52 25.98 -0.28 15.24
C LEU B 52 26.74 0.78 14.45
N GLY B 53 26.22 2.00 14.45
CA GLY B 53 26.87 3.17 13.81
C GLY B 53 26.45 3.41 12.37
N LYS B 54 25.36 2.75 11.99
CA LYS B 54 24.77 2.91 10.67
C LYS B 54 23.41 3.60 10.74
N GLN B 55 22.91 3.84 11.94
CA GLN B 55 21.62 4.53 12.15
C GLN B 55 20.48 3.68 11.70
N GLU B 56 20.63 2.38 11.87
CA GLU B 56 19.62 1.45 11.41
C GLU B 56 18.44 1.41 12.40
N VAL B 57 18.66 1.85 13.62
CA VAL B 57 17.61 1.81 14.61
C VAL B 57 17.42 3.19 15.22
N ILE B 58 16.30 3.36 15.91
CA ILE B 58 16.04 4.56 16.69
C ILE B 58 17.19 4.78 17.65
N ARG B 59 17.43 6.05 17.94
CA ARG B 59 18.59 6.48 18.67
C ARG B 59 18.70 5.86 20.05
N GLY B 60 17.56 5.69 20.72
CA GLY B 60 17.57 5.11 22.06
C GLY B 60 18.07 3.69 22.07
N TRP B 61 17.72 2.93 21.05
CA TRP B 61 18.15 1.56 20.94
C TRP B 61 19.63 1.50 20.76
N GLU B 62 20.12 2.33 19.86
CA GLU B 62 21.55 2.42 19.58
C GLU B 62 22.41 2.78 20.82
N GLU B 63 21.99 3.74 21.63
CA GLU B 63 22.77 4.10 22.83
C GLU B 63 22.59 3.04 23.91
N GLY B 64 21.35 2.62 24.08
CA GLY B 64 21.00 1.65 25.09
C GLY B 64 21.68 0.32 24.94
N VAL B 65 21.67 -0.23 23.73
CA VAL B 65 22.32 -1.52 23.48
C VAL B 65 23.85 -1.39 23.54
N ALA B 66 24.38 -0.25 23.11
CA ALA B 66 25.82 0.06 23.23
C ALA B 66 26.29 0.00 24.67
N GLN B 67 25.36 0.24 25.61
CA GLN B 67 25.63 0.18 27.05
C GLN B 67 25.43 -1.20 27.67
N MET B 68 25.19 -2.21 26.82
CA MET B 68 25.01 -3.56 27.26
C MET B 68 26.15 -4.47 26.81
N SER B 69 26.37 -5.51 27.60
CA SER B 69 27.43 -6.46 27.35
C SER B 69 26.77 -7.78 27.01
N VAL B 70 27.47 -8.61 26.25
CA VAL B 70 26.90 -9.82 25.68
C VAL B 70 26.28 -10.75 26.73
N GLY B 71 25.06 -11.21 26.46
CA GLY B 71 24.30 -12.07 27.40
C GLY B 71 23.29 -11.30 28.24
N GLN B 72 23.48 -10.00 28.35
CA GLN B 72 22.68 -9.15 29.23
C GLN B 72 21.25 -8.93 28.77
N ARG B 73 20.32 -8.98 29.71
CA ARG B 73 18.96 -8.61 29.43
C ARG B 73 18.70 -7.31 30.18
N ALA B 74 18.09 -6.35 29.52
CA ALA B 74 17.86 -5.04 30.08
C ALA B 74 16.59 -4.39 29.52
N LYS B 75 16.04 -3.46 30.28
CA LYS B 75 14.78 -2.82 29.94
C LYS B 75 15.10 -1.36 29.55
N LEU B 76 14.83 -1.03 28.30
CA LEU B 76 15.16 0.27 27.76
C LEU B 76 13.90 1.14 27.81
N THR B 77 13.94 2.19 28.63
CA THR B 77 12.93 3.26 28.56
C THR B 77 13.44 4.45 27.72
N ILE B 78 12.81 4.66 26.57
CA ILE B 78 13.30 5.55 25.52
C ILE B 78 12.28 6.65 25.30
N SER B 79 12.71 7.90 25.43
CA SER B 79 11.83 9.03 25.28
C SER B 79 11.65 9.31 23.81
N PRO B 80 10.52 9.98 23.45
CA PRO B 80 10.15 10.18 22.06
C PRO B 80 11.26 10.84 21.19
N ASP B 81 12.06 11.74 21.74
CA ASP B 81 13.15 12.36 20.97
C ASP B 81 14.18 11.36 20.51
N TYR B 82 14.28 10.25 21.23
CA TYR B 82 15.18 9.15 20.91
C TYR B 82 14.43 7.96 20.31
N ALA B 83 13.16 8.15 20.02
CA ALA B 83 12.29 7.11 19.42
C ALA B 83 11.64 7.65 18.14
N TYR B 84 10.31 7.64 18.03
CA TYR B 84 9.67 7.95 16.75
C TYR B 84 9.07 9.37 16.76
N GLY B 85 9.46 10.16 17.76
CA GLY B 85 9.21 11.59 17.80
C GLY B 85 7.78 12.09 17.85
N ALA B 86 7.59 13.26 17.27
CA ALA B 86 6.28 13.87 17.10
C ALA B 86 5.36 12.98 16.27
N THR B 87 5.92 12.37 15.23
CA THR B 87 5.13 11.74 14.20
C THR B 87 4.62 10.38 14.65
N GLY B 88 5.49 9.66 15.35
CA GLY B 88 5.22 8.31 15.73
C GLY B 88 5.39 7.48 14.51
N HIS B 89 4.74 6.31 14.53
CA HIS B 89 4.66 5.44 13.39
C HIS B 89 3.19 5.09 13.19
N PRO B 90 2.58 5.68 12.13
CA PRO B 90 1.13 5.76 12.02
C PRO B 90 0.48 4.43 12.23
N GLY B 91 -0.58 4.39 13.02
CA GLY B 91 -1.30 3.15 13.26
C GLY B 91 -0.57 2.16 14.16
N ILE B 92 0.60 2.51 14.68
CA ILE B 92 1.29 1.66 15.65
C ILE B 92 1.90 2.40 16.81
N ILE B 93 2.79 3.34 16.55
CA ILE B 93 3.32 4.19 17.63
C ILE B 93 2.68 5.57 17.54
N PRO B 94 1.99 5.99 18.61
CA PRO B 94 1.37 7.31 18.59
C PRO B 94 2.39 8.42 18.63
N PRO B 95 1.96 9.64 18.34
CA PRO B 95 2.76 10.82 18.58
C PRO B 95 3.19 10.98 20.03
N HIS B 96 4.45 11.37 20.19
CA HIS B 96 5.00 11.71 21.48
C HIS B 96 4.95 10.48 22.39
N ALA B 97 5.39 9.32 21.88
CA ALA B 97 5.34 8.09 22.70
C ALA B 97 6.67 7.79 23.43
N THR B 98 6.61 7.59 24.73
CA THR B 98 7.70 6.95 25.45
C THR B 98 7.53 5.44 25.24
N LEU B 99 8.66 4.75 24.96
CA LEU B 99 8.67 3.34 24.65
C LEU B 99 9.55 2.58 25.65
N VAL B 100 9.12 1.35 25.98
CA VAL B 100 9.87 0.46 26.86
C VAL B 100 10.16 -0.78 26.04
N PHE B 101 11.43 -1.13 25.91
CA PHE B 101 11.82 -2.27 25.12
C PHE B 101 12.51 -3.21 26.04
N ASP B 102 12.09 -4.46 26.03
CA ASP B 102 12.80 -5.49 26.77
C ASP B 102 13.73 -6.16 25.77
N VAL B 103 15.05 -6.02 25.99
CA VAL B 103 16.10 -6.38 25.03
C VAL B 103 17.17 -7.32 25.60
N GLU B 104 17.40 -8.45 24.93
CA GLU B 104 18.51 -9.34 25.30
C GLU B 104 19.62 -9.34 24.22
N LEU B 105 20.84 -8.97 24.61
CA LEU B 105 21.99 -9.00 23.70
C LEU B 105 22.48 -10.46 23.63
N LEU B 106 22.08 -11.15 22.59
CA LEU B 106 22.39 -12.57 22.47
C LEU B 106 23.87 -12.75 22.14
N LYS B 107 24.39 -11.94 21.24
CA LYS B 107 25.57 -12.27 20.46
C LYS B 107 25.98 -11.04 19.64
N LEU B 108 27.28 -10.95 19.34
CA LEU B 108 27.81 -9.96 18.38
C LEU B 108 28.33 -10.71 17.14
N GLU B 109 28.42 -10.05 15.99
CA GLU B 109 28.81 -10.72 14.75
C GLU B 109 29.71 -9.83 13.90
C1 TAK C . 11.60 3.50 -18.59
C2 TAK C . 11.78 5.04 -18.49
C3 TAK C . 12.21 5.48 -17.06
C4 TAK C . 12.62 4.31 -16.14
C5 TAK C . 11.59 3.15 -16.14
N1 TAK C . 10.85 3.06 -17.41
C6 TAK C . 10.63 1.59 -17.61
C7 TAK C . 9.85 0.95 -16.44
O1 TAK C . 8.57 1.65 -16.25
C8 TAK C . 8.04 1.47 -15.00
C9 TAK C . 8.45 0.40 -14.15
C10 TAK C . 7.88 0.27 -12.89
C11 TAK C . 7.07 2.37 -14.57
C12 TAK C . 6.51 2.24 -13.31
C13 TAK C . 6.88 1.17 -12.48
C14 TAK C . 6.33 1.09 -11.22
C15 TAK C . 6.46 -0.05 -10.45
C16 TAK C . 5.69 2.20 -10.71
N2 TAK C . 5.17 2.22 -9.48
C17 TAK C . 5.26 1.11 -8.69
N3 TAK C . 5.91 -0.04 -9.17
N4 TAK C . 5.90 -0.91 -8.30
C18 TAK C . 5.27 -0.43 -7.21
C19 TAK C . 4.87 0.81 -7.43
C20 TAK C . 4.19 1.65 -6.52
C21 TAK C . 4.61 1.73 -5.19
C22 TAK C . 3.93 2.55 -4.31
N5 TAK C . 2.86 3.24 -4.71
C23 TAK C . 2.41 3.19 -5.94
C24 TAK C . 3.06 2.40 -6.87
S SO4 D . 5.64 -9.53 -10.46
O1 SO4 D . 5.28 -10.84 -11.01
O2 SO4 D . 5.15 -8.45 -11.32
O3 SO4 D . 5.00 -9.45 -9.13
O4 SO4 D . 7.09 -9.33 -10.41
S SO4 E . -5.75 14.03 -16.03
O1 SO4 E . -7.07 13.56 -15.60
O2 SO4 E . -5.82 14.56 -17.40
O3 SO4 E . -5.19 15.09 -15.15
O4 SO4 E . -4.87 12.87 -15.96
S SO4 F . 16.53 9.75 12.95
O1 SO4 F . 15.88 9.17 14.15
O2 SO4 F . 17.76 8.99 12.67
O3 SO4 F . 16.88 11.16 13.14
O4 SO4 F . 15.62 9.75 11.81
S SO4 G . -8.72 23.57 -11.12
O1 SO4 G . -9.74 22.58 -10.79
O2 SO4 G . -9.32 24.89 -10.86
O3 SO4 G . -7.54 23.39 -10.28
O4 SO4 G . -8.34 23.47 -12.54
S SO4 H . -0.71 12.68 -10.64
O1 SO4 H . -0.17 13.66 -9.70
O2 SO4 H . -1.63 13.38 -11.56
O3 SO4 H . 0.29 12.05 -11.52
O4 SO4 H . -1.35 11.57 -9.88
O1 PG4 I . 2.08 -6.62 -5.01
C1 PG4 I . 1.68 -7.96 -4.63
C2 PG4 I . 2.93 -8.85 -4.75
O2 PG4 I . 3.09 -9.57 -3.54
C3 PG4 I . 4.35 -9.50 -2.88
C4 PG4 I . 4.25 -8.42 -1.82
O3 PG4 I . 5.48 -7.73 -1.58
C5 PG4 I . 6.52 -8.61 -1.13
C6 PG4 I . 7.83 -8.29 -1.82
O4 PG4 I . 8.78 -9.24 -1.36
C7 PG4 I . 8.97 -10.34 -2.25
C8 PG4 I . 9.85 -9.86 -3.41
O5 PG4 I . 10.22 -8.47 -3.23
O1 PG4 J . 21.05 5.57 -4.27
C1 PG4 J . 20.62 6.59 -3.33
C2 PG4 J . 20.92 8.02 -3.80
O2 PG4 J . 20.00 9.03 -3.31
C3 PG4 J . 18.88 9.32 -4.16
C4 PG4 J . 18.28 10.69 -3.89
O3 PG4 J . 17.14 10.99 -4.74
C5 PG4 J . 15.92 10.39 -4.28
C6 PG4 J . 15.13 11.26 -3.31
O4 PG4 J . 15.98 12.02 -2.44
C7 PG4 J . 16.14 13.39 -2.84
C8 PG4 J . 17.52 13.89 -2.41
O5 PG4 J . 17.90 13.41 -1.10
O1 PG4 K . -3.64 22.29 -23.45
C1 PG4 K . -4.21 20.98 -23.66
C2 PG4 K . -5.70 20.92 -23.34
O2 PG4 K . -6.14 19.54 -23.41
C3 PG4 K . -6.86 19.25 -24.63
C4 PG4 K . -7.02 17.75 -24.95
O3 PG4 K . -8.39 17.24 -25.03
C5 PG4 K . -9.44 18.10 -25.48
C6 PG4 K . -10.77 17.33 -25.54
O4 PG4 K . -11.97 18.13 -25.59
C7 PG4 K . -11.93 19.42 -24.96
C8 PG4 K . -13.32 20.04 -24.93
O5 PG4 K . -13.26 21.39 -25.42
#